data_7Q8V
#
_entry.id   7Q8V
#
_cell.length_a   170.915
_cell.length_b   39.519
_cell.length_c   49.037
_cell.angle_alpha   90.000
_cell.angle_beta   103.080
_cell.angle_gamma   90.000
#
_symmetry.space_group_name_H-M   'C 1 2 1'
#
loop_
_entity.id
_entity.type
_entity.pdbx_description
1 polymer 'Tau-tubulin kinase 1'
2 non-polymer 'PHOSPHATE ION'
3 non-polymer ~{N}-[4-(2-chloranylphenoxy)phenyl]-7~{H}-pyrrolo[2,3-d]pyrimidin-4-amine
4 water water
#
_entity_poly.entity_id   1
_entity_poly.type   'polypeptide(L)'
_entity_poly.pdbx_seq_one_letter_code
;MNMSGGGEQADILPANYVVKDRWKVLKKIGGGGFGEIYEAMDLLTRENVALKVESAQQPKQVLKMEVAVLKKLQGKDHVC
RFIGCGRNEKFNYVVMQLQGRNLADLRRSQPRGTFTLSTTLRLGKQILESIEAIHSVGFLHRDIKPSNFAMGRLPSTYRK
CYMLDFGLARQYTNTTGDVRPPRNVAGFRGTVRYASVNAHKNREMGRHDDLWSLFYMLVEFAVGQLPWRKIKDKEQVGMI
KEKYEHRMLLKHMPSEFHLFLDHIASLDYFTKPDYQLIMSVFENSMKERGIAENEAFDWEKAGTDALLS
;
_entity_poly.pdbx_strand_id   A
#
# COMPACT_ATOMS: atom_id res chain seq x y z
N ALA A 10 14.55 -3.47 23.63
CA ALA A 10 14.73 -4.46 22.53
C ALA A 10 14.77 -3.74 21.17
N ASP A 11 14.42 -2.44 21.12
CA ASP A 11 14.57 -1.59 19.91
C ASP A 11 16.00 -1.70 19.37
N ILE A 12 16.15 -1.74 18.04
CA ILE A 12 17.47 -1.88 17.34
C ILE A 12 18.31 -0.63 17.62
N LEU A 13 17.71 0.57 17.50
CA LEU A 13 18.35 1.88 17.76
C LEU A 13 17.68 2.57 18.95
N PRO A 14 18.47 3.06 19.93
CA PRO A 14 17.94 3.93 20.99
C PRO A 14 17.61 5.33 20.45
N ALA A 15 16.64 5.99 21.08
CA ALA A 15 16.39 7.44 20.92
C ALA A 15 17.73 8.18 20.99
N ASN A 16 17.92 9.12 20.07
CA ASN A 16 19.11 10.01 20.00
C ASN A 16 20.30 9.26 19.42
N TYR A 17 20.17 7.98 19.11
CA TYR A 17 21.21 7.28 18.31
C TYR A 17 21.39 8.03 16.98
N VAL A 18 22.63 8.12 16.46
CA VAL A 18 22.95 8.90 15.23
C VAL A 18 23.57 7.97 14.18
N VAL A 19 23.00 7.95 12.96
CA VAL A 19 23.40 7.02 11.86
C VAL A 19 24.24 7.78 10.84
N LYS A 20 25.35 7.16 10.41
CA LYS A 20 26.31 7.71 9.41
C LYS A 20 26.55 9.19 9.70
N ASP A 21 26.59 9.56 10.98
CA ASP A 21 26.94 10.91 11.46
C ASP A 21 25.95 11.93 10.88
N ARG A 22 24.70 11.55 10.63
CA ARG A 22 23.76 12.41 9.89
C ARG A 22 22.34 12.29 10.47
N TRP A 23 21.81 11.08 10.62
CA TRP A 23 20.38 10.90 10.93
C TRP A 23 20.23 10.54 12.40
N LYS A 24 19.70 11.47 13.19
CA LYS A 24 19.55 11.31 14.64
C LYS A 24 18.17 10.78 14.93
N VAL A 25 18.10 9.65 15.62
CA VAL A 25 16.83 8.97 15.99
C VAL A 25 16.07 9.85 17.01
N LEU A 26 14.82 10.19 16.71
CA LEU A 26 13.90 10.94 17.61
C LEU A 26 13.03 9.93 18.38
N LYS A 27 12.36 9.03 17.68
CA LYS A 27 11.51 7.98 18.30
C LYS A 27 11.19 6.87 17.27
N LYS A 28 10.88 5.67 17.75
CA LYS A 28 10.29 4.57 16.94
C LYS A 28 8.86 4.97 16.54
N ILE A 29 8.47 4.82 15.28
CA ILE A 29 7.05 5.10 14.83
C ILE A 29 6.39 3.81 14.34
N GLY A 30 7.15 2.75 14.07
CA GLY A 30 6.61 1.49 13.53
C GLY A 30 7.50 0.31 13.83
N GLY A 31 6.91 -0.87 14.01
CA GLY A 31 7.60 -2.11 14.45
C GLY A 31 6.93 -3.36 13.89
N GLY A 32 7.60 -4.51 14.02
CA GLY A 32 7.09 -5.82 13.60
C GLY A 32 8.22 -6.73 13.15
N GLY A 33 7.97 -8.03 13.08
CA GLY A 33 9.01 -9.09 13.07
C GLY A 33 10.05 -8.92 11.98
N PHE A 34 9.86 -7.94 11.06
CA PHE A 34 10.61 -7.79 9.79
C PHE A 34 11.59 -6.60 9.86
N GLY A 35 11.42 -5.72 10.87
CA GLY A 35 12.28 -4.54 11.07
C GLY A 35 11.50 -3.43 11.74
N GLU A 36 12.07 -2.22 11.75
CA GLU A 36 11.57 -1.09 12.57
C GLU A 36 11.68 0.20 11.76
N ILE A 37 10.74 1.12 11.99
CA ILE A 37 10.70 2.46 11.37
C ILE A 37 10.88 3.51 12.47
N TYR A 38 11.83 4.42 12.29
CA TYR A 38 12.06 5.58 13.19
C TYR A 38 11.77 6.90 12.45
N GLU A 39 11.32 7.90 13.18
CA GLU A 39 11.46 9.32 12.77
C GLU A 39 12.84 9.76 13.23
N ALA A 40 13.62 10.33 12.32
CA ALA A 40 14.96 10.87 12.63
C ALA A 40 15.03 12.32 12.16
N MET A 41 15.91 13.07 12.77
CA MET A 41 16.27 14.38 12.23
C MET A 41 17.46 14.21 11.32
N ASP A 42 17.38 14.82 10.13
CA ASP A 42 18.53 14.92 9.20
C ASP A 42 19.37 16.12 9.64
N LEU A 43 20.56 15.86 10.17
CA LEU A 43 21.44 16.88 10.76
C LEU A 43 22.06 17.77 9.67
N LEU A 44 22.11 17.32 8.42
CA LEU A 44 22.54 18.14 7.25
C LEU A 44 21.41 19.08 6.78
N THR A 45 20.30 18.51 6.27
CA THR A 45 19.17 19.26 5.63
C THR A 45 18.21 19.87 6.66
N ARG A 46 18.11 19.28 7.86
CA ARG A 46 17.43 19.85 9.05
C ARG A 46 15.94 19.45 9.03
N GLU A 47 15.52 18.72 8.03
CA GLU A 47 14.16 18.11 8.02
C GLU A 47 14.20 16.81 8.82
N ASN A 48 13.04 16.31 9.23
CA ASN A 48 12.86 14.97 9.81
C ASN A 48 12.62 13.99 8.66
N VAL A 49 13.01 12.74 8.85
CA VAL A 49 12.97 11.68 7.82
C VAL A 49 12.47 10.37 8.47
N ALA A 50 12.09 9.42 7.61
CA ALA A 50 11.77 8.03 7.95
C ALA A 50 13.03 7.20 7.86
N LEU A 51 13.37 6.51 8.92
CA LEU A 51 14.56 5.65 9.00
C LEU A 51 14.09 4.23 9.24
N LYS A 52 14.22 3.37 8.24
CA LYS A 52 13.85 1.94 8.33
C LYS A 52 15.13 1.14 8.58
N VAL A 53 15.13 0.27 9.60
CA VAL A 53 16.30 -0.55 9.99
C VAL A 53 15.87 -2.00 10.12
N GLU A 54 16.75 -2.93 9.78
CA GLU A 54 16.61 -4.36 10.13
C GLU A 54 17.93 -4.83 10.75
N SER A 55 17.85 -5.71 11.72
CA SER A 55 19.01 -6.44 12.28
C SER A 55 19.83 -7.06 11.13
N ALA A 56 21.16 -6.93 11.20
CA ALA A 56 22.13 -7.52 10.25
C ALA A 56 22.05 -9.05 10.31
N GLN A 57 21.38 -9.58 11.34
CA GLN A 57 21.37 -11.02 11.76
C GLN A 57 20.06 -11.69 11.35
N GLN A 58 18.93 -11.02 11.58
CA GLN A 58 17.60 -11.38 11.02
C GLN A 58 17.78 -12.23 9.76
N PRO A 59 17.34 -13.51 9.76
CA PRO A 59 17.63 -14.43 8.66
C PRO A 59 17.04 -13.95 7.31
N LYS A 60 15.84 -13.36 7.39
CA LYS A 60 15.10 -12.76 6.23
C LYS A 60 15.48 -11.29 6.06
N GLN A 61 16.28 -10.98 5.02
CA GLN A 61 16.78 -9.60 4.68
C GLN A 61 15.85 -8.98 3.63
N VAL A 62 15.00 -8.05 4.04
CA VAL A 62 13.92 -7.43 3.21
C VAL A 62 14.39 -6.07 2.66
N LEU A 63 15.09 -5.30 3.48
CA LEU A 63 15.41 -3.89 3.17
C LEU A 63 16.05 -3.79 1.79
N LYS A 64 16.84 -4.77 1.40
CA LYS A 64 17.57 -4.75 0.10
C LYS A 64 16.54 -4.75 -1.03
N MET A 65 15.45 -5.51 -0.85
CA MET A 65 14.23 -5.53 -1.70
C MET A 65 13.62 -4.11 -1.76
N GLU A 66 13.24 -3.58 -0.59
CA GLU A 66 12.63 -2.24 -0.41
C GLU A 66 13.44 -1.14 -1.10
N VAL A 67 14.73 -1.07 -0.82
CA VAL A 67 15.63 -0.07 -1.43
C VAL A 67 15.59 -0.22 -2.97
N ALA A 68 15.73 -1.44 -3.50
CA ALA A 68 15.74 -1.69 -4.98
C ALA A 68 14.43 -1.19 -5.58
N VAL A 69 13.29 -1.55 -4.98
CA VAL A 69 11.95 -1.08 -5.45
C VAL A 69 11.85 0.45 -5.30
N LEU A 70 12.27 1.00 -4.17
CA LEU A 70 12.13 2.46 -3.87
C LEU A 70 12.97 3.26 -4.90
N LYS A 71 14.15 2.76 -5.27
CA LYS A 71 15.05 3.43 -6.26
C LYS A 71 14.44 3.33 -7.68
N LYS A 72 13.84 2.20 -8.02
CA LYS A 72 13.24 2.02 -9.37
C LYS A 72 12.06 2.98 -9.54
N LEU A 73 11.44 3.42 -8.43
CA LEU A 73 10.18 4.21 -8.46
C LEU A 73 10.47 5.72 -8.38
N GLN A 74 11.71 6.13 -8.13
CA GLN A 74 12.07 7.58 -8.00
C GLN A 74 11.67 8.29 -9.30
N GLY A 75 11.12 9.50 -9.18
CA GLY A 75 10.61 10.29 -10.31
C GLY A 75 9.10 10.11 -10.50
N LYS A 76 8.57 8.99 -10.01
CA LYS A 76 7.12 8.70 -9.94
C LYS A 76 6.51 9.47 -8.77
N ASP A 77 5.29 9.98 -8.95
CA ASP A 77 4.46 10.54 -7.85
C ASP A 77 4.04 9.38 -6.93
N HIS A 78 3.68 9.68 -5.68
CA HIS A 78 3.03 8.75 -4.72
C HIS A 78 4.09 7.83 -4.08
N VAL A 79 5.35 8.15 -4.26
CA VAL A 79 6.50 7.40 -3.69
C VAL A 79 7.37 8.39 -2.89
N CYS A 80 7.87 7.96 -1.73
CA CYS A 80 8.81 8.71 -0.86
C CYS A 80 10.11 8.95 -1.61
N ARG A 81 10.66 10.14 -1.51
CA ARG A 81 12.01 10.44 -2.02
C ARG A 81 13.03 9.59 -1.24
N PHE A 82 13.92 8.93 -1.98
CA PHE A 82 15.07 8.16 -1.45
C PHE A 82 16.13 9.14 -0.97
N ILE A 83 16.60 8.97 0.26
CA ILE A 83 17.62 9.85 0.88
C ILE A 83 18.90 9.05 1.04
N GLY A 84 18.86 7.85 1.61
CA GLY A 84 20.10 7.08 1.82
C GLY A 84 19.85 5.65 2.22
N CYS A 85 20.90 4.83 2.20
CA CYS A 85 20.89 3.43 2.67
C CYS A 85 22.31 3.02 3.03
N GLY A 86 22.44 1.94 3.78
CA GLY A 86 23.73 1.51 4.34
C GLY A 86 23.59 0.22 5.08
N ARG A 87 24.69 -0.52 5.16
CA ARG A 87 24.88 -1.74 5.97
C ARG A 87 25.87 -1.41 7.10
N ASN A 88 25.99 -2.32 8.06
CA ASN A 88 27.10 -2.38 9.06
C ASN A 88 26.83 -3.58 9.97
N GLU A 89 27.66 -3.79 10.97
CA GLU A 89 27.70 -5.03 11.80
C GLU A 89 26.33 -5.31 12.42
N LYS A 90 25.63 -4.25 12.90
CA LYS A 90 24.41 -4.39 13.75
C LYS A 90 23.14 -4.36 12.87
N PHE A 91 23.07 -3.48 11.87
CA PHE A 91 21.82 -3.21 11.10
C PHE A 91 22.13 -2.73 9.69
N ASN A 92 21.16 -2.94 8.79
CA ASN A 92 20.97 -2.19 7.53
C ASN A 92 19.87 -1.13 7.74
N TYR A 93 19.87 -0.10 6.90
CA TYR A 93 19.00 1.08 7.08
C TYR A 93 18.69 1.69 5.73
N VAL A 94 17.52 2.28 5.61
CA VAL A 94 17.17 3.12 4.44
C VAL A 94 16.52 4.38 4.97
N VAL A 95 16.93 5.51 4.45
CA VAL A 95 16.40 6.82 4.83
C VAL A 95 15.57 7.31 3.68
N MET A 96 14.35 7.71 3.97
CA MET A 96 13.41 8.18 2.96
C MET A 96 12.59 9.32 3.55
N GLN A 97 11.89 10.01 2.67
CA GLN A 97 11.00 11.13 3.00
C GLN A 97 9.98 10.63 4.02
N LEU A 98 9.79 11.40 5.10
CA LEU A 98 8.73 11.19 6.11
C LEU A 98 7.39 11.63 5.54
N GLN A 99 6.34 10.83 5.72
CA GLN A 99 4.98 11.21 5.32
C GLN A 99 4.12 11.37 6.59
N GLY A 100 2.88 11.82 6.40
CA GLY A 100 2.01 12.28 7.49
C GLY A 100 1.04 11.19 7.92
N ARG A 101 -0.22 11.56 8.01
CA ARG A 101 -1.28 10.70 8.57
C ARG A 101 -1.57 9.55 7.61
N ASN A 102 -1.53 8.38 8.19
CA ASN A 102 -1.81 7.06 7.62
C ASN A 102 -3.32 6.93 7.29
N LEU A 103 -3.69 6.27 6.19
CA LEU A 103 -5.10 6.14 5.78
C LEU A 103 -5.88 5.31 6.81
N ALA A 104 -5.25 4.33 7.46
CA ALA A 104 -5.89 3.52 8.51
C ALA A 104 -6.32 4.43 9.67
N ASP A 105 -5.43 5.31 10.12
CA ASP A 105 -5.73 6.25 11.22
C ASP A 105 -6.83 7.22 10.76
N LEU A 106 -6.68 7.80 9.57
CA LEU A 106 -7.69 8.77 9.01
C LEU A 106 -9.06 8.12 8.91
N ARG A 107 -9.15 6.84 8.53
CA ARG A 107 -10.47 6.16 8.42
C ARG A 107 -11.07 6.01 9.82
N ARG A 108 -10.26 5.54 10.77
CA ARG A 108 -10.63 5.28 12.18
C ARG A 108 -11.10 6.58 12.85
N SER A 109 -10.55 7.74 12.46
CA SER A 109 -10.86 9.05 13.08
C SER A 109 -12.24 9.51 12.63
N GLN A 110 -12.72 9.04 11.47
CA GLN A 110 -14.04 9.42 10.89
C GLN A 110 -15.14 8.97 11.84
N PRO A 111 -16.17 9.82 12.06
CA PRO A 111 -17.27 9.47 12.95
C PRO A 111 -17.73 8.01 12.76
N ARG A 112 -17.98 7.58 11.51
CA ARG A 112 -18.70 6.33 11.21
C ARG A 112 -17.69 5.28 10.74
N GLY A 113 -16.40 5.58 10.88
CA GLY A 113 -15.30 4.86 10.23
C GLY A 113 -15.49 4.77 8.72
N THR A 114 -16.20 5.72 8.12
CA THR A 114 -16.40 5.80 6.65
C THR A 114 -15.84 7.12 6.14
N PHE A 115 -15.29 7.11 4.94
CA PHE A 115 -15.00 8.34 4.15
C PHE A 115 -16.21 8.60 3.27
N THR A 116 -16.46 9.87 2.95
CA THR A 116 -17.34 10.28 1.83
C THR A 116 -16.83 9.58 0.59
N LEU A 117 -17.67 9.54 -0.42
CA LEU A 117 -17.39 8.97 -1.75
C LEU A 117 -16.37 9.86 -2.44
N SER A 118 -16.41 11.16 -2.15
CA SER A 118 -15.47 12.16 -2.70
C SER A 118 -14.05 11.85 -2.25
N THR A 119 -13.84 11.73 -0.94
CA THR A 119 -12.56 11.24 -0.35
C THR A 119 -12.25 9.84 -0.93
N THR A 120 -13.19 8.91 -0.88
CA THR A 120 -12.92 7.50 -1.30
C THR A 120 -12.41 7.50 -2.75
N LEU A 121 -13.11 8.14 -3.69
CA LEU A 121 -12.81 7.98 -5.15
C LEU A 121 -11.48 8.67 -5.48
N ARG A 122 -11.15 9.74 -4.78
CA ARG A 122 -9.94 10.54 -5.09
C ARG A 122 -8.72 9.83 -4.50
N LEU A 123 -8.86 9.17 -3.35
CA LEU A 123 -7.83 8.25 -2.81
C LEU A 123 -7.65 7.07 -3.77
N GLY A 124 -8.75 6.52 -4.29
CA GLY A 124 -8.74 5.44 -5.28
C GLY A 124 -7.87 5.76 -6.46
N LYS A 125 -8.03 6.94 -7.04
CA LYS A 125 -7.26 7.33 -8.25
C LYS A 125 -5.75 7.31 -7.92
N GLN A 126 -5.36 7.83 -6.77
CA GLN A 126 -3.94 7.98 -6.40
C GLN A 126 -3.36 6.62 -6.08
N ILE A 127 -4.04 5.82 -5.26
CA ILE A 127 -3.56 4.46 -4.91
C ILE A 127 -3.43 3.63 -6.20
N LEU A 128 -4.39 3.73 -7.13
CA LEU A 128 -4.37 2.99 -8.43
C LEU A 128 -3.15 3.41 -9.25
N GLU A 129 -2.82 4.70 -9.28
CA GLU A 129 -1.60 5.24 -9.93
C GLU A 129 -0.37 4.54 -9.33
N SER A 130 -0.30 4.49 -8.00
CA SER A 130 0.87 3.95 -7.26
C SER A 130 0.95 2.44 -7.51
N ILE A 131 -0.18 1.77 -7.72
CA ILE A 131 -0.20 0.30 -7.99
C ILE A 131 0.28 0.08 -9.43
N GLU A 132 -0.21 0.87 -10.37
CA GLU A 132 0.25 0.82 -11.78
C GLU A 132 1.76 1.10 -11.81
N ALA A 133 2.25 2.05 -10.99
CA ALA A 133 3.68 2.45 -10.91
C ALA A 133 4.52 1.23 -10.51
N ILE A 134 4.22 0.57 -9.39
CA ILE A 134 5.08 -0.54 -8.88
C ILE A 134 5.00 -1.73 -9.87
N HIS A 135 3.86 -1.93 -10.51
CA HIS A 135 3.68 -2.98 -11.54
C HIS A 135 4.55 -2.64 -12.75
N SER A 136 4.66 -1.35 -13.12
CA SER A 136 5.36 -0.89 -14.34
C SER A 136 6.86 -1.18 -14.24
N VAL A 137 7.43 -1.23 -13.02
CA VAL A 137 8.87 -1.52 -12.81
C VAL A 137 9.07 -3.00 -12.41
N GLY A 138 8.03 -3.83 -12.51
CA GLY A 138 8.16 -5.30 -12.52
C GLY A 138 7.89 -5.93 -11.16
N PHE A 139 7.29 -5.20 -10.22
CA PHE A 139 7.05 -5.71 -8.84
C PHE A 139 5.57 -5.71 -8.52
N LEU A 140 5.14 -6.73 -7.78
CA LEU A 140 3.85 -6.76 -7.02
C LEU A 140 4.06 -6.20 -5.61
N HIS A 141 3.10 -5.47 -5.10
CA HIS A 141 3.14 -4.97 -3.71
C HIS A 141 2.81 -6.14 -2.77
N ARG A 142 1.67 -6.77 -2.97
CA ARG A 142 1.18 -7.98 -2.26
C ARG A 142 0.68 -7.64 -0.85
N ASP A 143 0.71 -6.40 -0.42
CA ASP A 143 0.10 -6.03 0.88
C ASP A 143 -0.52 -4.65 0.80
N ILE A 144 -1.33 -4.46 -0.21
CA ILE A 144 -2.17 -3.25 -0.34
C ILE A 144 -3.20 -3.27 0.80
N LYS A 145 -3.11 -2.26 1.66
CA LYS A 145 -4.00 -2.02 2.81
C LYS A 145 -3.84 -0.55 3.26
N PRO A 146 -4.80 0.00 4.00
CA PRO A 146 -4.80 1.42 4.36
C PRO A 146 -3.55 1.89 5.09
N SER A 147 -3.04 1.09 6.04
CA SER A 147 -1.87 1.47 6.85
C SER A 147 -0.60 1.59 5.97
N ASN A 148 -0.64 1.12 4.73
CA ASN A 148 0.53 1.23 3.80
C ASN A 148 0.39 2.47 2.91
N PHE A 149 -0.50 3.39 3.26
CA PHE A 149 -0.64 4.69 2.56
C PHE A 149 -0.75 5.81 3.57
N ALA A 150 -0.16 6.93 3.25
CA ALA A 150 -0.19 8.10 4.12
C ALA A 150 -0.23 9.35 3.24
N MET A 151 -0.88 10.37 3.74
CA MET A 151 -0.98 11.68 3.09
C MET A 151 0.32 12.44 3.38
N GLY A 152 0.63 13.46 2.59
CA GLY A 152 1.83 14.28 2.77
C GLY A 152 1.76 15.11 4.04
N ARG A 153 2.89 15.65 4.43
CA ARG A 153 3.02 16.53 5.63
C ARG A 153 3.69 17.85 5.25
N LEU A 154 3.54 18.28 4.00
CA LEU A 154 4.09 19.58 3.51
C LEU A 154 3.01 20.38 2.77
N PRO A 155 3.16 21.72 2.65
CA PRO A 155 2.25 22.53 1.84
C PRO A 155 2.09 21.98 0.38
N SER A 156 3.17 21.37 -0.10
CA SER A 156 3.31 20.85 -1.48
C SER A 156 2.80 19.41 -1.61
N THR A 157 2.39 18.74 -0.51
CA THR A 157 2.12 17.25 -0.55
C THR A 157 0.90 16.84 0.27
N TYR A 158 0.28 17.75 1.02
CA TYR A 158 -0.71 17.38 2.07
C TYR A 158 -1.96 16.79 1.41
N ARG A 159 -2.14 16.97 0.10
CA ARG A 159 -3.29 16.39 -0.66
C ARG A 159 -2.79 15.22 -1.52
N LYS A 160 -1.55 14.78 -1.33
CA LYS A 160 -0.99 13.63 -2.07
C LYS A 160 -0.92 12.43 -1.14
N CYS A 161 -1.27 11.27 -1.69
CA CYS A 161 -1.28 9.98 -1.01
C CYS A 161 -0.06 9.16 -1.45
N TYR A 162 0.68 8.59 -0.50
CA TYR A 162 1.96 7.90 -0.75
C TYR A 162 1.86 6.43 -0.34
N MET A 163 2.37 5.57 -1.19
CA MET A 163 2.64 4.13 -0.91
C MET A 163 3.91 4.08 -0.07
N LEU A 164 3.87 3.49 1.13
CA LEU A 164 4.89 3.72 2.19
C LEU A 164 5.97 2.65 2.20
N ASP A 165 5.61 1.40 1.87
CA ASP A 165 6.38 0.19 2.26
C ASP A 165 6.28 -0.87 1.14
N PHE A 166 7.34 -1.65 0.96
CA PHE A 166 7.51 -2.61 -0.15
C PHE A 166 8.08 -3.92 0.40
N GLY A 167 7.90 -4.16 1.70
CA GLY A 167 8.58 -5.21 2.46
C GLY A 167 8.10 -6.58 2.03
N LEU A 168 6.95 -6.67 1.38
CA LEU A 168 6.38 -7.96 0.93
C LEU A 168 6.37 -8.05 -0.61
N ALA A 169 6.98 -7.08 -1.30
CA ALA A 169 6.93 -7.01 -2.77
C ALA A 169 7.67 -8.23 -3.35
N ARG A 170 7.31 -8.64 -4.56
CA ARG A 170 8.07 -9.67 -5.28
C ARG A 170 8.10 -9.31 -6.76
N GLN A 171 9.25 -9.48 -7.37
CA GLN A 171 9.41 -9.25 -8.80
C GLN A 171 8.57 -10.30 -9.52
N TYR A 172 7.68 -9.92 -10.43
CA TYR A 172 6.90 -10.92 -11.23
C TYR A 172 7.50 -11.09 -12.65
N THR A 173 8.53 -10.32 -12.99
CA THR A 173 9.25 -10.44 -14.29
C THR A 173 10.63 -11.07 -14.10
N ASN A 174 11.17 -11.63 -15.18
CA ASN A 174 12.64 -11.74 -15.45
C ASN A 174 13.17 -10.38 -15.94
N THR A 175 14.29 -10.40 -16.68
CA THR A 175 15.07 -9.24 -17.17
C THR A 175 14.32 -8.54 -18.31
N THR A 176 13.74 -9.31 -19.23
CA THR A 176 13.16 -8.85 -20.53
C THR A 176 11.78 -8.23 -20.32
N GLY A 177 11.15 -8.48 -19.18
CA GLY A 177 9.76 -8.08 -18.92
C GLY A 177 8.79 -9.20 -19.17
N ASP A 178 9.29 -10.42 -19.37
CA ASP A 178 8.44 -11.63 -19.40
C ASP A 178 8.02 -11.96 -17.97
N VAL A 179 6.80 -12.41 -17.82
CA VAL A 179 6.23 -12.85 -16.53
C VAL A 179 6.93 -14.16 -16.15
N ARG A 180 7.58 -14.15 -14.99
CA ARG A 180 8.05 -15.34 -14.24
C ARG A 180 7.03 -16.45 -14.29
N PRO A 181 7.47 -17.73 -14.36
CA PRO A 181 6.62 -18.87 -13.99
C PRO A 181 6.06 -18.68 -12.59
N PRO A 182 4.76 -18.94 -12.36
CA PRO A 182 4.20 -18.91 -11.02
C PRO A 182 4.60 -20.20 -10.30
N ARG A 183 4.95 -20.13 -9.03
CA ARG A 183 5.15 -21.35 -8.21
C ARG A 183 3.83 -22.09 -8.13
N ASN A 184 3.84 -23.41 -8.00
CA ASN A 184 2.59 -24.23 -7.87
C ASN A 184 1.87 -23.84 -6.57
N VAL A 185 2.62 -23.43 -5.56
CA VAL A 185 2.09 -23.00 -4.23
C VAL A 185 2.95 -21.85 -3.77
N ALA A 186 2.32 -20.74 -3.36
CA ALA A 186 2.95 -19.58 -2.69
C ALA A 186 2.16 -19.25 -1.42
N GLY A 187 2.75 -19.46 -0.26
CA GLY A 187 2.15 -19.15 1.05
C GLY A 187 1.86 -17.67 1.16
N PHE A 188 0.59 -17.31 1.25
CA PHE A 188 0.21 -15.89 1.29
C PHE A 188 0.70 -15.28 2.60
N ARG A 189 1.23 -14.06 2.54
CA ARG A 189 1.97 -13.46 3.67
C ARG A 189 1.32 -12.11 4.08
N GLY A 190 0.42 -11.61 3.25
CA GLY A 190 -0.18 -10.28 3.42
C GLY A 190 -1.27 -10.28 4.48
N THR A 191 -2.05 -9.21 4.51
CA THR A 191 -3.06 -8.95 5.56
C THR A 191 -4.35 -9.65 5.15
N VAL A 192 -4.97 -10.34 6.09
CA VAL A 192 -6.12 -11.22 5.83
C VAL A 192 -7.26 -10.39 5.22
N ARG A 193 -7.54 -9.24 5.80
CA ARG A 193 -8.79 -8.51 5.49
C ARG A 193 -8.87 -8.25 3.98
N TYR A 194 -7.76 -7.83 3.33
CA TYR A 194 -7.76 -7.30 1.95
C TYR A 194 -7.18 -8.28 0.92
N ALA A 195 -6.91 -9.52 1.31
CA ALA A 195 -6.34 -10.59 0.45
C ALA A 195 -7.37 -11.05 -0.59
N SER A 196 -6.95 -11.21 -1.84
CA SER A 196 -7.77 -11.83 -2.91
C SER A 196 -8.06 -13.29 -2.54
N VAL A 197 -9.07 -13.86 -3.18
CA VAL A 197 -9.39 -15.32 -3.10
C VAL A 197 -8.19 -16.12 -3.62
N ASN A 198 -7.44 -15.58 -4.56
CA ASN A 198 -6.24 -16.28 -5.10
C ASN A 198 -5.19 -16.39 -4.00
N ALA A 199 -5.01 -15.33 -3.22
CA ALA A 199 -4.01 -15.30 -2.15
C ALA A 199 -4.42 -16.30 -1.09
N HIS A 200 -5.70 -16.31 -0.72
CA HIS A 200 -6.24 -17.24 0.30
C HIS A 200 -5.95 -18.69 -0.10
N LYS A 201 -6.01 -18.98 -1.40
CA LYS A 201 -5.80 -20.33 -1.95
C LYS A 201 -4.31 -20.62 -2.13
N ASN A 202 -3.45 -19.76 -1.60
CA ASN A 202 -1.98 -19.95 -1.61
C ASN A 202 -1.53 -20.16 -3.06
N ARG A 203 -2.01 -19.31 -3.95
CA ARG A 203 -1.62 -19.30 -5.37
C ARG A 203 -0.65 -18.16 -5.55
N GLU A 204 0.24 -18.28 -6.53
CA GLU A 204 1.10 -17.17 -6.96
C GLU A 204 0.23 -15.96 -7.23
N MET A 205 0.53 -14.87 -6.56
CA MET A 205 -0.15 -13.59 -6.70
C MET A 205 0.31 -12.93 -7.98
N GLY A 206 -0.63 -12.29 -8.66
CA GLY A 206 -0.41 -11.51 -9.89
C GLY A 206 -0.74 -10.05 -9.65
N ARG A 207 -0.75 -9.26 -10.69
CA ARG A 207 -1.07 -7.82 -10.59
C ARG A 207 -2.52 -7.65 -10.18
N HIS A 208 -3.38 -8.60 -10.58
CA HIS A 208 -4.84 -8.51 -10.31
C HIS A 208 -5.09 -8.55 -8.80
N ASP A 209 -4.25 -9.26 -8.06
CA ASP A 209 -4.43 -9.51 -6.61
C ASP A 209 -4.17 -8.20 -5.84
N ASP A 210 -3.34 -7.33 -6.36
CA ASP A 210 -3.13 -5.97 -5.78
C ASP A 210 -4.39 -5.16 -6.04
N LEU A 211 -5.00 -5.35 -7.20
CA LEU A 211 -6.23 -4.61 -7.59
C LEU A 211 -7.46 -5.17 -6.86
N TRP A 212 -7.46 -6.46 -6.49
CA TRP A 212 -8.45 -7.04 -5.55
C TRP A 212 -8.37 -6.32 -4.21
N SER A 213 -7.16 -6.17 -3.67
CA SER A 213 -6.93 -5.55 -2.35
C SER A 213 -7.43 -4.10 -2.40
N LEU A 214 -7.18 -3.37 -3.50
CA LEU A 214 -7.69 -1.99 -3.72
C LEU A 214 -9.23 -1.98 -3.69
N PHE A 215 -9.86 -2.85 -4.45
CA PHE A 215 -11.32 -3.03 -4.49
C PHE A 215 -11.90 -3.18 -3.07
N TYR A 216 -11.42 -4.14 -2.31
CA TYR A 216 -11.88 -4.40 -0.91
C TYR A 216 -11.63 -3.16 -0.03
N MET A 217 -10.48 -2.54 -0.18
CA MET A 217 -10.12 -1.30 0.58
C MET A 217 -11.14 -0.18 0.30
N LEU A 218 -11.51 0.06 -0.96
CA LEU A 218 -12.40 1.19 -1.37
C LEU A 218 -13.84 0.90 -0.90
N VAL A 219 -14.27 -0.36 -0.93
CA VAL A 219 -15.59 -0.75 -0.35
C VAL A 219 -15.55 -0.42 1.14
N GLU A 220 -14.50 -0.81 1.83
CA GLU A 220 -14.42 -0.59 3.29
C GLU A 220 -14.44 0.93 3.57
N PHE A 221 -13.71 1.72 2.80
CA PHE A 221 -13.71 3.20 2.90
C PHE A 221 -15.15 3.74 2.84
N ALA A 222 -15.90 3.39 1.80
CA ALA A 222 -17.17 4.05 1.45
C ALA A 222 -18.29 3.52 2.32
N VAL A 223 -18.17 2.30 2.80
CA VAL A 223 -19.27 1.57 3.51
C VAL A 223 -18.91 1.43 5.00
N GLY A 224 -17.62 1.35 5.34
CA GLY A 224 -17.13 1.50 6.72
C GLY A 224 -16.76 0.17 7.34
N GLN A 225 -17.03 -0.93 6.64
CA GLN A 225 -16.74 -2.32 7.11
C GLN A 225 -16.73 -3.22 5.89
N LEU A 226 -16.07 -4.38 6.00
CA LEU A 226 -16.27 -5.54 5.09
C LEU A 226 -17.00 -6.63 5.84
N PRO A 227 -17.71 -7.53 5.14
CA PRO A 227 -18.54 -8.54 5.78
C PRO A 227 -17.76 -9.46 6.73
N TRP A 228 -16.45 -9.60 6.52
CA TRP A 228 -15.56 -10.56 7.25
C TRP A 228 -14.65 -9.80 8.25
N ARG A 229 -15.17 -8.68 8.72
CA ARG A 229 -14.50 -7.62 9.52
C ARG A 229 -13.92 -8.17 10.84
N LYS A 230 -14.72 -8.89 11.63
CA LYS A 230 -14.34 -9.35 13.00
C LYS A 230 -13.85 -10.81 12.96
N ILE A 231 -13.35 -11.26 11.80
CA ILE A 231 -12.75 -12.62 11.63
C ILE A 231 -11.26 -12.46 11.35
N LYS A 232 -10.44 -13.05 12.21
CA LYS A 232 -8.96 -12.93 12.10
C LYS A 232 -8.37 -14.26 11.59
N ASP A 233 -9.12 -15.35 11.68
CA ASP A 233 -8.72 -16.65 11.08
C ASP A 233 -8.67 -16.54 9.55
N LYS A 234 -7.46 -16.68 9.00
CA LYS A 234 -7.15 -16.63 7.53
C LYS A 234 -8.10 -17.58 6.74
N GLU A 235 -8.18 -18.82 7.15
CA GLU A 235 -8.91 -19.87 6.38
C GLU A 235 -10.45 -19.55 6.33
N GLN A 236 -11.00 -19.15 7.51
CA GLN A 236 -12.41 -18.65 7.67
C GLN A 236 -12.62 -17.47 6.72
N VAL A 237 -11.75 -16.49 6.76
CA VAL A 237 -11.93 -15.28 5.91
C VAL A 237 -11.94 -15.74 4.45
N GLY A 238 -11.10 -16.71 4.11
CA GLY A 238 -10.97 -17.20 2.73
C GLY A 238 -12.25 -17.87 2.25
N MET A 239 -12.87 -18.64 3.13
CA MET A 239 -14.07 -19.45 2.79
C MET A 239 -15.29 -18.52 2.64
N ILE A 240 -15.38 -17.49 3.48
CA ILE A 240 -16.38 -16.40 3.38
C ILE A 240 -16.23 -15.71 2.02
N LYS A 241 -15.03 -15.26 1.64
CA LYS A 241 -14.83 -14.51 0.37
C LYS A 241 -15.15 -15.39 -0.83
N GLU A 242 -14.74 -16.64 -0.81
CA GLU A 242 -14.84 -17.53 -1.99
C GLU A 242 -16.31 -17.68 -2.37
N LYS A 243 -17.22 -17.64 -1.39
CA LYS A 243 -18.67 -17.86 -1.58
C LYS A 243 -19.40 -16.52 -1.77
N TYR A 244 -18.90 -15.44 -1.15
CA TYR A 244 -19.65 -14.16 -0.97
C TYR A 244 -19.98 -13.58 -2.35
N GLU A 245 -21.23 -13.18 -2.55
CA GLU A 245 -21.70 -12.56 -3.82
C GLU A 245 -21.20 -11.13 -3.86
N HIS A 246 -20.09 -10.89 -4.54
CA HIS A 246 -19.32 -9.63 -4.47
C HIS A 246 -20.16 -8.45 -4.98
N ARG A 247 -21.19 -8.70 -5.79
CA ARG A 247 -22.11 -7.63 -6.26
C ARG A 247 -22.77 -6.93 -5.04
N MET A 248 -23.05 -7.74 -3.99
CA MET A 248 -23.63 -7.30 -2.67
C MET A 248 -22.76 -6.17 -2.10
N LEU A 249 -21.45 -6.33 -2.20
CA LEU A 249 -20.44 -5.33 -1.76
C LEU A 249 -20.75 -3.99 -2.42
N LEU A 250 -21.40 -4.00 -3.59
CA LEU A 250 -21.58 -2.80 -4.45
C LEU A 250 -22.98 -2.19 -4.29
N LYS A 251 -23.80 -2.75 -3.40
CA LYS A 251 -25.21 -2.29 -3.16
C LYS A 251 -25.25 -0.77 -3.06
N HIS A 252 -24.35 -0.18 -2.26
CA HIS A 252 -24.31 1.26 -1.91
C HIS A 252 -23.05 1.94 -2.50
N MET A 253 -22.43 1.35 -3.53
CA MET A 253 -21.30 1.94 -4.29
C MET A 253 -21.82 2.44 -5.64
N PRO A 254 -21.08 3.30 -6.37
CA PRO A 254 -21.43 3.65 -7.74
C PRO A 254 -21.43 2.42 -8.66
N SER A 255 -22.34 2.38 -9.63
CA SER A 255 -22.63 1.20 -10.49
C SER A 255 -21.43 0.87 -11.40
N GLU A 256 -20.66 1.93 -11.73
CA GLU A 256 -19.42 1.82 -12.55
C GLU A 256 -18.43 0.83 -11.88
N PHE A 257 -18.62 0.52 -10.58
CA PHE A 257 -17.71 -0.39 -9.82
C PHE A 257 -17.93 -1.82 -10.29
N HIS A 258 -19.08 -2.09 -10.94
CA HIS A 258 -19.41 -3.44 -11.50
C HIS A 258 -18.41 -3.80 -12.63
N LEU A 259 -17.96 -2.71 -13.33
CA LEU A 259 -16.89 -2.76 -14.38
C LEU A 259 -15.54 -3.14 -13.74
N PHE A 260 -15.21 -2.48 -12.64
CA PHE A 260 -13.99 -2.75 -11.83
C PHE A 260 -14.01 -4.24 -11.41
N LEU A 261 -15.08 -4.64 -10.72
CA LEU A 261 -15.23 -6.01 -10.20
C LEU A 261 -15.14 -7.03 -11.35
N ASP A 262 -15.89 -6.80 -12.41
CA ASP A 262 -16.00 -7.75 -13.55
C ASP A 262 -14.62 -7.87 -14.20
N HIS A 263 -13.92 -6.75 -14.33
CA HIS A 263 -12.59 -6.75 -14.96
C HIS A 263 -11.66 -7.61 -14.13
N ILE A 264 -11.51 -7.33 -12.83
CA ILE A 264 -10.46 -8.01 -12.04
C ILE A 264 -10.84 -9.49 -11.86
N ALA A 265 -12.15 -9.83 -11.86
CA ALA A 265 -12.66 -11.22 -11.72
C ALA A 265 -12.25 -12.06 -12.92
N SER A 266 -12.00 -11.39 -14.05
CA SER A 266 -11.70 -12.00 -15.36
C SER A 266 -10.18 -12.15 -15.55
N LEU A 267 -9.36 -11.45 -14.76
CA LEU A 267 -7.87 -11.50 -14.91
C LEU A 267 -7.33 -12.83 -14.36
N ASP A 268 -6.19 -13.28 -14.85
CA ASP A 268 -5.37 -14.33 -14.19
C ASP A 268 -3.96 -13.77 -13.94
N TYR A 269 -3.09 -14.62 -13.38
CA TYR A 269 -1.70 -14.31 -12.98
C TYR A 269 -0.92 -13.71 -14.17
N PHE A 270 -1.15 -14.18 -15.39
CA PHE A 270 -0.35 -13.84 -16.59
C PHE A 270 -0.81 -12.49 -17.19
N THR A 271 -2.07 -12.08 -16.99
CA THR A 271 -2.71 -11.03 -17.82
C THR A 271 -2.45 -9.64 -17.23
N LYS A 272 -2.02 -8.70 -18.06
CA LYS A 272 -1.84 -7.29 -17.63
C LYS A 272 -3.21 -6.65 -17.43
N PRO A 273 -3.52 -6.12 -16.24
CA PRO A 273 -4.80 -5.45 -16.03
C PRO A 273 -4.98 -4.25 -16.96
N ASP A 274 -6.25 -3.89 -17.21
CA ASP A 274 -6.67 -2.62 -17.85
C ASP A 274 -6.79 -1.54 -16.76
N TYR A 275 -5.68 -0.85 -16.47
CA TYR A 275 -5.60 0.19 -15.41
C TYR A 275 -6.47 1.40 -15.81
N GLN A 276 -6.53 1.72 -17.09
CA GLN A 276 -7.35 2.87 -17.59
C GLN A 276 -8.85 2.54 -17.41
N LEU A 277 -9.24 1.28 -17.60
CA LEU A 277 -10.64 0.85 -17.32
C LEU A 277 -10.97 1.26 -15.88
N ILE A 278 -10.14 0.83 -14.93
CA ILE A 278 -10.40 1.07 -13.49
C ILE A 278 -10.27 2.56 -13.18
N MET A 279 -9.30 3.26 -13.76
CA MET A 279 -9.15 4.74 -13.56
C MET A 279 -10.44 5.44 -14.00
N SER A 280 -11.03 4.98 -15.10
CA SER A 280 -12.25 5.54 -15.71
C SER A 280 -13.44 5.33 -14.78
N VAL A 281 -13.52 4.19 -14.13
CA VAL A 281 -14.59 3.88 -13.15
C VAL A 281 -14.65 5.02 -12.10
N PHE A 282 -13.49 5.39 -11.55
CA PHE A 282 -13.38 6.40 -10.46
C PHE A 282 -13.79 7.78 -11.02
N GLU A 283 -13.23 8.17 -12.16
CA GLU A 283 -13.42 9.52 -12.79
C GLU A 283 -14.88 9.69 -13.21
N ASN A 284 -15.43 8.66 -13.84
CA ASN A 284 -16.85 8.66 -14.28
C ASN A 284 -17.75 8.73 -13.04
N SER A 285 -17.38 8.01 -11.99
CA SER A 285 -18.10 8.01 -10.69
C SER A 285 -18.13 9.44 -10.11
N MET A 286 -16.99 10.12 -10.11
CA MET A 286 -16.85 11.48 -9.56
C MET A 286 -17.69 12.44 -10.40
N LYS A 287 -17.52 12.38 -11.73
CA LYS A 287 -18.19 13.25 -12.72
C LYS A 287 -19.72 13.16 -12.56
N GLU A 288 -20.28 11.95 -12.55
CA GLU A 288 -21.74 11.72 -12.36
C GLU A 288 -22.23 12.54 -11.16
N ARG A 289 -21.36 12.83 -10.19
CA ARG A 289 -21.75 13.26 -8.83
C ARG A 289 -21.19 14.66 -8.49
N GLY A 290 -20.68 15.38 -9.49
CA GLY A 290 -20.13 16.75 -9.35
C GLY A 290 -18.97 16.80 -8.36
N ILE A 291 -18.34 15.66 -8.07
CA ILE A 291 -17.14 15.59 -7.19
C ILE A 291 -15.95 16.19 -7.94
N ALA A 292 -15.40 17.30 -7.45
CA ALA A 292 -14.25 17.99 -8.05
C ALA A 292 -12.96 17.45 -7.45
N GLU A 293 -11.86 17.52 -8.20
CA GLU A 293 -10.50 17.11 -7.77
C GLU A 293 -9.97 18.07 -6.69
N ASN A 294 -10.56 19.26 -6.55
CA ASN A 294 -10.05 20.32 -5.63
C ASN A 294 -10.90 20.35 -4.35
N GLU A 295 -11.77 19.37 -4.14
CA GLU A 295 -12.63 19.29 -2.93
C GLU A 295 -11.73 19.00 -1.70
N ALA A 296 -12.09 19.56 -0.54
CA ALA A 296 -11.51 19.16 0.76
C ALA A 296 -11.57 17.62 0.86
N PHE A 297 -10.53 17.00 1.39
CA PHE A 297 -10.59 15.64 1.97
C PHE A 297 -11.32 15.73 3.32
N ASP A 298 -11.91 14.62 3.78
CA ASP A 298 -12.86 14.57 4.93
C ASP A 298 -12.17 15.13 6.18
N TRP A 299 -10.87 14.88 6.34
CA TRP A 299 -10.11 15.21 7.58
C TRP A 299 -9.68 16.68 7.59
N GLU A 300 -9.94 17.45 6.52
CA GLU A 300 -9.68 18.92 6.43
C GLU A 300 -10.92 19.72 6.88
N LYS A 301 -10.89 21.06 6.72
CA LYS A 301 -12.07 21.96 6.78
C LYS A 301 -11.62 23.36 7.22
#